data_9CKM
#
_entry.id   9CKM
#
_cell.length_a   39.280
_cell.length_b   39.280
_cell.length_c   480.772
_cell.angle_alpha   90.000
_cell.angle_beta   90.000
_cell.angle_gamma   120.000
#
_symmetry.space_group_name_H-M   'H 3 2'
#
loop_
_entity.id
_entity.type
_entity.pdbx_description
1 polymer "DNA (5'-D(*GP*CP*TP*GP*GP*AP*AP*AP*GP*TP*TP*T)-3')"
2 polymer "DNA (5'-D(*GP*CP*TP*GP*GP*AP*AP*AP*GP*TP*TP*TP*AP*AP*AP*CP*TP*TP*TP*CP*CP*AP*GP*C)-3')"
3 polymer "DNA (5'-D(P*AP*AP*AP*CP*TP*TP*TP*CP*CP*AP*GP*C)-3')"
4 non-polymer 'CALCIUM ION'
5 non-polymer 4-{5-[5-(4-carbamimidoylphenyl)-1-methyl-1H-1,3-benzimidazol-2-yl]thiophen-2-yl}benzene-1-carboximidamide
6 water water
#
loop_
_entity_poly.entity_id
_entity_poly.type
_entity_poly.pdbx_seq_one_letter_code
_entity_poly.pdbx_strand_id
1 'polydeoxyribonucleotide' (DG)(DC)(DT)(DG)(DG)(DA)(DA)(DA)(DG)(DT)(DT)(DT) A
2 'polydeoxyribonucleotide'
;(DG)(DC)(DT)(DG)(DG)(DA)(DA)(DA)(DG)(DT)(DT)(DT)(DA)(DA)(DA)(DC)(DT)(DT)(DT)(DC)
(DC)(DA)(DG)(DC)
;
C
3 'polydeoxyribonucleotide' (DA)(DA)(DA)(DC)(DT)(DT)(DT)(DC)(DC)(DA)(DG)(DC) B
#